data_1QWI
#
_entry.id   1QWI
#
_cell.length_a   65.747
_cell.length_b   64.229
_cell.length_c   67.585
_cell.angle_alpha   90.00
_cell.angle_beta   92.62
_cell.angle_gamma   90.00
#
_symmetry.space_group_name_H-M   'P 1 21 1'
#
loop_
_entity.id
_entity.type
_entity.pdbx_description
1 polymer 'osmotically inducible protein'
2 water water
#
_entity_poly.entity_id   1
_entity_poly.type   'polypeptide(L)'
_entity_poly.pdbx_seq_one_letter_code
;(MSE)TIHKKGQAHWESDIKRGKGTVSTESGVLNQQPYGFNTRFEGEKGTNPEELIGAAHAACFS(MSE)ALSL(MSE)L
GEAGFTPTSIDTTADVSLDKVDAGFAITKIALKSEVAVPGIDASTFDGIIQKAKAGCPVSQVLKAEITLDYQLKS
;
_entity_poly.pdbx_strand_id   A,B,C,D
#
# COMPACT_ATOMS: atom_id res chain seq x y z
N THR A 2 -18.82 6.53 12.68
CA THR A 2 -18.45 5.82 11.43
C THR A 2 -19.59 5.80 10.41
N ILE A 3 -19.22 6.12 9.17
CA ILE A 3 -20.14 6.14 8.05
C ILE A 3 -20.25 4.72 7.52
N HIS A 4 -21.47 4.28 7.23
CA HIS A 4 -21.75 2.93 6.70
C HIS A 4 -22.56 3.01 5.42
N LYS A 5 -22.04 2.43 4.34
CA LYS A 5 -22.76 2.42 3.05
C LYS A 5 -22.89 0.98 2.63
N LYS A 6 -24.01 0.63 2.02
CA LYS A 6 -24.26 -0.76 1.64
C LYS A 6 -24.52 -1.05 0.17
N GLY A 7 -24.04 -2.22 -0.24
CA GLY A 7 -24.22 -2.71 -1.61
C GLY A 7 -24.66 -4.15 -1.46
N GLN A 8 -25.24 -4.72 -2.52
CA GLN A 8 -25.67 -6.11 -2.44
C GLN A 8 -25.64 -6.80 -3.79
N ALA A 9 -25.78 -8.11 -3.78
CA ALA A 9 -25.79 -8.89 -5.00
C ALA A 9 -26.56 -10.17 -4.77
N HIS A 10 -27.07 -10.74 -5.85
CA HIS A 10 -27.83 -11.96 -5.84
C HIS A 10 -27.30 -12.87 -6.93
N TRP A 11 -27.24 -14.15 -6.66
CA TRP A 11 -26.80 -15.10 -7.66
C TRP A 11 -27.58 -16.38 -7.52
N GLU A 12 -27.92 -16.99 -8.66
CA GLU A 12 -28.66 -18.24 -8.65
C GLU A 12 -28.05 -19.22 -9.65
N SER A 13 -28.11 -20.51 -9.31
CA SER A 13 -27.57 -21.58 -10.15
C SER A 13 -26.04 -21.54 -10.25
N ASP A 14 -25.46 -22.33 -11.15
CA ASP A 14 -24.01 -22.37 -11.30
C ASP A 14 -23.43 -21.11 -11.96
N ILE A 15 -22.17 -21.19 -12.37
CA ILE A 15 -21.49 -20.05 -12.99
C ILE A 15 -21.75 -19.86 -14.48
N LYS A 16 -21.86 -20.97 -15.20
CA LYS A 16 -22.11 -20.91 -16.63
C LYS A 16 -23.56 -20.70 -16.96
N ARG A 17 -24.44 -21.50 -16.36
CA ARG A 17 -25.86 -21.38 -16.61
C ARG A 17 -26.57 -20.49 -15.61
N GLY A 18 -25.85 -20.10 -14.56
CA GLY A 18 -26.43 -19.25 -13.54
C GLY A 18 -26.33 -17.78 -13.91
N LYS A 19 -26.94 -16.93 -13.09
CA LYS A 19 -26.93 -15.50 -13.35
C LYS A 19 -27.06 -14.74 -12.04
N GLY A 20 -26.79 -13.44 -12.10
CA GLY A 20 -26.90 -12.65 -10.89
C GLY A 20 -27.33 -11.22 -11.16
N THR A 21 -27.47 -10.46 -10.08
CA THR A 21 -27.84 -9.06 -10.15
C THR A 21 -27.06 -8.33 -9.07
N VAL A 22 -26.95 -7.03 -9.22
CA VAL A 22 -26.23 -6.21 -8.26
C VAL A 22 -27.04 -4.94 -8.00
N SER A 23 -27.01 -4.47 -6.76
CA SER A 23 -27.75 -3.29 -6.33
C SER A 23 -26.96 -2.49 -5.31
N THR A 24 -27.42 -1.26 -5.07
CA THR A 24 -26.81 -0.42 -4.07
C THR A 24 -27.96 0.12 -3.25
N GLU A 25 -27.67 0.56 -2.03
CA GLU A 25 -28.74 1.06 -1.20
C GLU A 25 -29.35 2.35 -1.74
N SER A 26 -28.55 3.15 -2.45
CA SER A 26 -29.06 4.42 -3.00
C SER A 26 -30.08 4.19 -4.11
N GLY A 27 -29.99 3.03 -4.75
CA GLY A 27 -30.90 2.71 -5.84
C GLY A 27 -30.32 2.93 -7.23
N VAL A 28 -29.18 3.61 -7.33
CA VAL A 28 -28.56 3.87 -8.64
C VAL A 28 -28.38 2.56 -9.40
N LEU A 29 -28.20 1.49 -8.63
CA LEU A 29 -28.10 0.15 -9.18
C LEU A 29 -29.21 -0.60 -8.47
N ASN A 30 -30.12 -1.18 -9.24
CA ASN A 30 -31.23 -1.92 -8.66
C ASN A 30 -31.46 -3.20 -9.45
N GLN A 31 -30.96 -4.30 -8.91
CA GLN A 31 -31.05 -5.63 -9.52
C GLN A 31 -30.56 -5.62 -10.97
N GLN A 32 -29.45 -4.92 -11.18
CA GLN A 32 -28.85 -4.84 -12.50
C GLN A 32 -28.13 -6.16 -12.77
N PRO A 33 -28.44 -6.79 -13.91
CA PRO A 33 -27.85 -8.07 -14.32
C PRO A 33 -26.34 -8.08 -14.47
N TYR A 34 -25.71 -9.20 -14.12
CA TYR A 34 -24.28 -9.37 -14.28
C TYR A 34 -24.02 -10.88 -14.29
N GLY A 35 -22.97 -11.30 -14.98
CA GLY A 35 -22.65 -12.72 -15.05
C GLY A 35 -21.30 -12.99 -15.66
N PHE A 36 -21.02 -14.25 -15.98
CA PHE A 36 -19.76 -14.64 -16.57
C PHE A 36 -19.54 -13.87 -17.88
N ASN A 37 -20.62 -13.75 -18.65
CA ASN A 37 -20.62 -13.06 -19.94
C ASN A 37 -20.11 -11.63 -19.89
N THR A 38 -20.71 -10.83 -19.01
CA THR A 38 -20.33 -9.43 -18.87
C THR A 38 -19.00 -9.22 -18.14
N ARG A 39 -18.63 -10.14 -17.27
CA ARG A 39 -17.37 -9.95 -16.56
C ARG A 39 -16.15 -10.51 -17.28
N PHE A 40 -16.28 -11.72 -17.83
CA PHE A 40 -15.15 -12.39 -18.48
C PHE A 40 -15.16 -12.51 -20.01
N GLU A 41 -16.34 -12.42 -20.62
CA GLU A 41 -16.46 -12.55 -22.07
C GLU A 41 -16.64 -11.24 -22.82
N GLY A 42 -16.50 -10.12 -22.11
CA GLY A 42 -16.64 -8.82 -22.74
C GLY A 42 -18.03 -8.39 -23.20
N GLU A 43 -19.08 -9.07 -22.76
CA GLU A 43 -20.43 -8.67 -23.16
C GLU A 43 -20.78 -7.37 -22.42
N LYS A 44 -21.38 -6.42 -23.13
CA LYS A 44 -21.73 -5.15 -22.50
C LYS A 44 -22.64 -5.38 -21.29
N GLY A 45 -22.27 -4.79 -20.16
CA GLY A 45 -23.06 -4.96 -18.95
C GLY A 45 -22.23 -4.56 -17.75
N THR A 46 -22.84 -4.47 -16.57
CA THR A 46 -22.06 -4.08 -15.40
C THR A 46 -21.24 -5.26 -14.87
N ASN A 47 -20.33 -4.96 -13.96
CA ASN A 47 -19.43 -5.96 -13.40
C ASN A 47 -18.66 -5.32 -12.22
N PRO A 48 -18.02 -6.13 -11.37
CA PRO A 48 -17.28 -5.55 -10.24
C PRO A 48 -16.21 -4.54 -10.62
N GLU A 49 -15.49 -4.83 -11.70
CA GLU A 49 -14.41 -3.95 -12.14
C GLU A 49 -14.87 -2.55 -12.52
N GLU A 50 -15.96 -2.41 -13.29
CA GLU A 50 -16.36 -1.06 -13.65
C GLU A 50 -16.91 -0.30 -12.45
N LEU A 51 -17.50 -1.01 -11.49
CA LEU A 51 -18.04 -0.37 -10.29
C LEU A 51 -16.88 0.17 -9.44
N ILE A 52 -15.80 -0.60 -9.31
CA ILE A 52 -14.64 -0.14 -8.55
C ILE A 52 -14.04 1.05 -9.29
N GLY A 53 -13.99 0.96 -10.62
CA GLY A 53 -13.48 2.07 -11.41
C GLY A 53 -14.27 3.34 -11.19
N ALA A 54 -15.60 3.25 -11.26
CA ALA A 54 -16.44 4.43 -11.04
C ALA A 54 -16.19 4.98 -9.63
N ALA A 55 -16.12 4.10 -8.64
CA ALA A 55 -15.88 4.52 -7.26
C ALA A 55 -14.54 5.25 -7.11
N HIS A 56 -13.50 4.70 -7.72
CA HIS A 56 -12.15 5.27 -7.67
C HIS A 56 -12.11 6.62 -8.39
N ALA A 57 -12.67 6.69 -9.59
CA ALA A 57 -12.70 7.94 -10.34
C ALA A 57 -13.42 9.02 -9.51
N ALA A 58 -14.54 8.66 -8.90
CA ALA A 58 -15.29 9.62 -8.09
C ALA A 58 -14.53 10.05 -6.84
N CYS A 59 -13.91 9.11 -6.13
CA CYS A 59 -13.16 9.47 -4.94
C CYS A 59 -11.97 10.37 -5.30
N PHE A 60 -11.18 9.95 -6.30
CA PHE A 60 -10.01 10.69 -6.73
C PHE A 60 -10.34 12.10 -7.19
N SER A 61 -11.41 12.26 -7.94
CA SER A 61 -11.75 13.61 -8.44
C SER A 61 -12.16 14.52 -7.28
N MSE A 62 -12.92 13.98 -6.33
CA MSE A 62 -13.34 14.77 -5.17
C MSE A 62 -12.12 15.17 -4.35
O MSE A 62 -11.98 16.34 -3.95
CB MSE A 62 -14.31 13.97 -4.30
CG MSE A 62 -14.71 14.68 -3.01
SE MSE A 62 -15.72 13.50 -1.86
CE MSE A 62 -17.35 13.56 -2.86
N ALA A 63 -11.25 14.20 -4.11
CA ALA A 63 -10.03 14.42 -3.35
C ALA A 63 -9.15 15.48 -3.99
N LEU A 64 -9.06 15.47 -5.32
CA LEU A 64 -8.23 16.46 -6.01
C LEU A 64 -8.81 17.85 -5.80
N SER A 65 -10.14 17.98 -5.90
CA SER A 65 -10.77 19.28 -5.70
C SER A 65 -10.46 19.81 -4.32
N LEU A 66 -10.62 18.95 -3.32
CA LEU A 66 -10.37 19.32 -1.92
C LEU A 66 -8.96 19.83 -1.71
N MSE A 67 -7.97 19.08 -2.19
CA MSE A 67 -6.58 19.48 -2.02
C MSE A 67 -6.27 20.77 -2.76
O MSE A 67 -5.50 21.61 -2.26
CB MSE A 67 -5.64 18.35 -2.48
CG MSE A 67 -5.76 17.08 -1.65
SE MSE A 67 -4.44 15.73 -2.10
CE MSE A 67 -3.22 16.04 -0.60
N LEU A 68 -6.84 20.95 -3.94
CA LEU A 68 -6.60 22.18 -4.70
C LEU A 68 -7.13 23.33 -3.86
N GLY A 69 -8.30 23.11 -3.26
CA GLY A 69 -8.90 24.13 -2.42
C GLY A 69 -8.02 24.45 -1.23
N GLU A 70 -7.46 23.43 -0.60
CA GLU A 70 -6.59 23.65 0.55
C GLU A 70 -5.37 24.47 0.15
N ALA A 71 -5.04 24.43 -1.13
CA ALA A 71 -3.89 25.17 -1.65
C ALA A 71 -4.33 26.56 -2.11
N GLY A 72 -5.63 26.81 -2.04
CA GLY A 72 -6.16 28.09 -2.46
C GLY A 72 -6.53 28.14 -3.92
N PHE A 73 -6.80 26.96 -4.49
CA PHE A 73 -7.15 26.85 -5.90
C PHE A 73 -8.54 26.24 -6.11
N THR A 74 -9.23 26.71 -7.14
CA THR A 74 -10.56 26.20 -7.45
C THR A 74 -10.55 25.58 -8.84
N PRO A 75 -10.78 24.27 -8.97
CA PRO A 75 -10.79 23.63 -10.29
C PRO A 75 -12.06 23.96 -11.05
N THR A 76 -11.90 24.37 -12.30
CA THR A 76 -13.05 24.68 -13.14
C THR A 76 -13.78 23.38 -13.45
N SER A 77 -13.01 22.33 -13.73
CA SER A 77 -13.57 21.02 -14.03
C SER A 77 -12.53 19.92 -13.88
N ILE A 78 -13.00 18.72 -13.56
CA ILE A 78 -12.15 17.55 -13.40
C ILE A 78 -12.93 16.41 -14.07
N ASP A 79 -12.28 15.71 -14.99
CA ASP A 79 -12.91 14.59 -15.67
C ASP A 79 -11.93 13.45 -15.61
N THR A 80 -12.30 12.42 -14.87
CA THR A 80 -11.42 11.29 -14.67
C THR A 80 -12.02 9.97 -15.11
N THR A 81 -11.19 9.13 -15.70
CA THR A 81 -11.62 7.81 -16.12
C THR A 81 -10.71 6.83 -15.40
N ALA A 82 -11.29 5.77 -14.85
CA ALA A 82 -10.50 4.76 -14.16
C ALA A 82 -10.60 3.46 -14.96
N ASP A 83 -9.46 3.01 -15.48
CA ASP A 83 -9.38 1.78 -16.28
C ASP A 83 -8.86 0.64 -15.41
N VAL A 84 -9.75 -0.29 -15.08
CA VAL A 84 -9.45 -1.42 -14.20
C VAL A 84 -9.05 -2.69 -14.95
N SER A 85 -7.89 -3.22 -14.59
CA SER A 85 -7.35 -4.45 -15.19
C SER A 85 -7.67 -5.67 -14.35
N LEU A 86 -8.31 -6.65 -14.98
CA LEU A 86 -8.62 -7.91 -14.32
C LEU A 86 -7.79 -8.93 -15.11
N ASP A 87 -6.73 -9.42 -14.48
CA ASP A 87 -5.82 -10.37 -15.11
C ASP A 87 -6.01 -11.81 -14.65
N LYS A 88 -5.66 -12.74 -15.53
CA LYS A 88 -5.74 -14.14 -15.20
C LYS A 88 -4.41 -14.45 -14.51
N VAL A 89 -4.47 -15.06 -13.33
CA VAL A 89 -3.26 -15.43 -12.61
C VAL A 89 -3.37 -16.92 -12.30
N ASP A 90 -2.35 -17.51 -11.68
CA ASP A 90 -2.39 -18.95 -11.40
C ASP A 90 -3.60 -19.40 -10.59
N ALA A 91 -3.88 -18.68 -9.52
CA ALA A 91 -5.00 -19.03 -8.65
C ALA A 91 -6.37 -18.77 -9.28
N GLY A 92 -6.39 -17.94 -10.30
CA GLY A 92 -7.64 -17.59 -10.96
C GLY A 92 -7.49 -16.23 -11.60
N PHE A 93 -8.10 -15.21 -11.00
CA PHE A 93 -8.03 -13.83 -11.50
C PHE A 93 -7.68 -12.84 -10.39
N ALA A 94 -7.26 -11.65 -10.77
CA ALA A 94 -6.91 -10.63 -9.79
C ALA A 94 -6.93 -9.27 -10.44
N ILE A 95 -7.34 -8.27 -9.67
CA ILE A 95 -7.39 -6.88 -10.12
C ILE A 95 -5.97 -6.39 -9.88
N THR A 96 -5.18 -6.31 -10.93
CA THR A 96 -3.77 -5.95 -10.82
C THR A 96 -3.40 -4.50 -10.95
N LYS A 97 -4.28 -3.72 -11.57
CA LYS A 97 -3.96 -2.33 -11.79
C LYS A 97 -5.17 -1.48 -12.11
N ILE A 98 -5.09 -0.20 -11.77
CA ILE A 98 -6.13 0.73 -12.11
C ILE A 98 -5.39 1.93 -12.70
N ALA A 99 -5.70 2.25 -13.95
CA ALA A 99 -5.05 3.36 -14.62
C ALA A 99 -6.00 4.56 -14.63
N LEU A 100 -5.61 5.62 -13.93
CA LEU A 100 -6.42 6.81 -13.88
C LEU A 100 -5.94 7.78 -14.96
N LYS A 101 -6.87 8.36 -15.69
CA LYS A 101 -6.56 9.35 -16.73
C LYS A 101 -7.47 10.51 -16.40
N SER A 102 -6.91 11.69 -16.15
CA SER A 102 -7.76 12.81 -15.79
C SER A 102 -7.46 14.08 -16.58
N GLU A 103 -8.51 14.83 -16.89
CA GLU A 103 -8.37 16.10 -17.60
C GLU A 103 -8.86 17.14 -16.60
N VAL A 104 -7.98 18.05 -16.24
CA VAL A 104 -8.31 19.06 -15.25
C VAL A 104 -8.03 20.47 -15.75
N ALA A 105 -8.92 21.39 -15.41
CA ALA A 105 -8.76 22.80 -15.78
C ALA A 105 -8.67 23.62 -14.51
N VAL A 106 -7.53 24.24 -14.29
CA VAL A 106 -7.30 25.10 -13.12
C VAL A 106 -6.53 26.32 -13.62
N PRO A 107 -7.26 27.39 -13.94
CA PRO A 107 -6.65 28.63 -14.43
C PRO A 107 -5.51 29.19 -13.58
N GLY A 108 -4.41 29.50 -14.26
CA GLY A 108 -3.24 30.11 -13.62
C GLY A 108 -2.37 29.35 -12.65
N ILE A 109 -2.71 28.10 -12.34
CA ILE A 109 -1.90 27.33 -11.40
C ILE A 109 -0.57 26.92 -12.02
N ASP A 110 0.49 26.94 -11.20
CA ASP A 110 1.82 26.54 -11.66
C ASP A 110 1.79 25.08 -12.07
N ALA A 111 2.44 24.75 -13.20
CA ALA A 111 2.46 23.37 -13.68
C ALA A 111 3.04 22.43 -12.63
N SER A 112 4.20 22.80 -12.09
CA SER A 112 4.87 21.99 -11.10
C SER A 112 4.04 21.91 -9.82
N THR A 113 3.45 23.04 -9.42
CA THR A 113 2.64 23.08 -8.21
C THR A 113 1.49 22.09 -8.34
N PHE A 114 0.81 22.13 -9.48
CA PHE A 114 -0.30 21.23 -9.73
C PHE A 114 0.12 19.76 -9.69
N ASP A 115 1.24 19.45 -10.33
CA ASP A 115 1.72 18.07 -10.37
C ASP A 115 1.92 17.49 -8.98
N GLY A 116 2.44 18.29 -8.06
CA GLY A 116 2.65 17.81 -6.70
C GLY A 116 1.33 17.47 -6.02
N ILE A 117 0.35 18.34 -6.24
CA ILE A 117 -0.98 18.16 -5.67
C ILE A 117 -1.71 16.94 -6.22
N ILE A 118 -1.78 16.84 -7.55
CA ILE A 118 -2.49 15.72 -8.16
C ILE A 118 -1.84 14.38 -7.82
N GLN A 119 -0.53 14.37 -7.63
CA GLN A 119 0.14 13.11 -7.28
C GLN A 119 -0.24 12.74 -5.86
N LYS A 120 -0.36 13.73 -5.00
CA LYS A 120 -0.73 13.47 -3.61
C LYS A 120 -2.16 12.93 -3.57
N ALA A 121 -3.03 13.41 -4.47
CA ALA A 121 -4.41 12.92 -4.49
C ALA A 121 -4.48 11.49 -5.01
N LYS A 122 -3.70 11.21 -6.04
CA LYS A 122 -3.68 9.87 -6.63
C LYS A 122 -3.28 8.83 -5.58
N ALA A 123 -2.34 9.18 -4.72
CA ALA A 123 -1.89 8.22 -3.74
C ALA A 123 -2.63 8.29 -2.42
N GLY A 124 -3.18 9.46 -2.12
CA GLY A 124 -3.85 9.63 -0.85
C GLY A 124 -5.36 9.55 -0.71
N CYS A 125 -6.10 9.52 -1.82
CA CYS A 125 -7.55 9.46 -1.65
C CYS A 125 -7.93 8.11 -1.05
N PRO A 126 -9.06 8.06 -0.33
CA PRO A 126 -9.52 6.83 0.31
C PRO A 126 -9.54 5.57 -0.56
N VAL A 127 -10.09 5.65 -1.76
CA VAL A 127 -10.14 4.46 -2.61
C VAL A 127 -8.75 3.99 -3.03
N SER A 128 -7.86 4.93 -3.37
CA SER A 128 -6.49 4.55 -3.72
C SER A 128 -5.87 3.82 -2.52
N GLN A 129 -6.03 4.43 -1.35
CA GLN A 129 -5.48 3.88 -0.12
C GLN A 129 -5.93 2.46 0.21
N VAL A 130 -7.19 2.11 -0.09
CA VAL A 130 -7.67 0.77 0.22
C VAL A 130 -7.28 -0.30 -0.81
N LEU A 131 -6.78 0.12 -1.97
CA LEU A 131 -6.41 -0.83 -3.04
C LEU A 131 -4.95 -1.29 -3.09
N LYS A 132 -4.74 -2.58 -3.27
CA LYS A 132 -3.38 -3.12 -3.36
C LYS A 132 -2.88 -3.14 -4.80
N ALA A 133 -3.76 -2.84 -5.74
CA ALA A 133 -3.38 -2.83 -7.15
C ALA A 133 -2.46 -1.66 -7.48
N GLU A 134 -1.69 -1.80 -8.56
CA GLU A 134 -0.82 -0.74 -8.99
C GLU A 134 -1.74 0.37 -9.47
N ILE A 135 -1.47 1.61 -9.07
CA ILE A 135 -2.30 2.73 -9.51
C ILE A 135 -1.42 3.70 -10.29
N THR A 136 -1.76 3.95 -11.53
CA THR A 136 -0.99 4.88 -12.35
C THR A 136 -1.84 6.11 -12.63
N LEU A 137 -1.20 7.20 -13.01
CA LEU A 137 -1.91 8.43 -13.30
C LEU A 137 -1.37 9.06 -14.57
N ASP A 138 -2.28 9.49 -15.43
CA ASP A 138 -1.91 10.18 -16.67
C ASP A 138 -2.89 11.34 -16.73
N TYR A 139 -2.38 12.55 -16.81
CA TYR A 139 -3.31 13.67 -16.83
C TYR A 139 -2.93 14.75 -17.82
N GLN A 140 -3.87 15.67 -18.02
CA GLN A 140 -3.67 16.79 -18.92
C GLN A 140 -4.26 18.00 -18.19
N LEU A 141 -3.40 18.92 -17.80
CA LEU A 141 -3.82 20.13 -17.09
C LEU A 141 -3.96 21.34 -18.02
N LYS A 142 -5.10 22.02 -17.94
CA LYS A 142 -5.31 23.24 -18.72
C LYS A 142 -5.25 24.34 -17.67
N SER A 143 -4.20 25.15 -17.74
CA SER A 143 -3.98 26.22 -16.80
C SER A 143 -3.45 27.48 -17.48
N THR B 2 -5.48 -9.23 -20.87
CA THR B 2 -6.23 -8.79 -19.64
C THR B 2 -7.54 -8.10 -20.01
N ILE B 3 -8.50 -8.19 -19.09
CA ILE B 3 -9.82 -7.61 -19.24
C ILE B 3 -9.76 -6.19 -18.68
N HIS B 4 -10.20 -5.22 -19.47
CA HIS B 4 -10.21 -3.82 -19.03
C HIS B 4 -11.65 -3.30 -18.95
N LYS B 5 -12.03 -2.72 -17.80
CA LYS B 5 -13.36 -2.15 -17.61
C LYS B 5 -13.16 -0.74 -17.06
N LYS B 6 -14.01 0.20 -17.49
CA LYS B 6 -13.87 1.59 -17.07
C LYS B 6 -15.03 2.25 -16.33
N GLY B 7 -14.66 3.15 -15.42
CA GLY B 7 -15.61 3.93 -14.66
C GLY B 7 -15.16 5.37 -14.83
N GLN B 8 -16.05 6.35 -14.64
CA GLN B 8 -15.68 7.75 -14.79
C GLN B 8 -16.42 8.65 -13.83
N ALA B 9 -15.92 9.86 -13.67
CA ALA B 9 -16.54 10.83 -12.79
C ALA B 9 -16.21 12.21 -13.30
N HIS B 10 -17.06 13.16 -12.96
CA HIS B 10 -16.89 14.55 -13.37
C HIS B 10 -17.05 15.38 -12.11
N TRP B 11 -16.26 16.42 -11.96
CA TRP B 11 -16.39 17.27 -10.79
C TRP B 11 -16.18 18.70 -11.23
N GLU B 12 -16.88 19.63 -10.58
CA GLU B 12 -16.73 21.04 -10.91
C GLU B 12 -16.87 21.89 -9.65
N SER B 13 -16.03 22.91 -9.53
CA SER B 13 -16.01 23.84 -8.39
C SER B 13 -15.34 23.21 -7.15
N ASP B 14 -15.51 23.84 -5.99
CA ASP B 14 -14.90 23.33 -4.74
C ASP B 14 -15.67 22.16 -4.12
N ILE B 15 -15.31 21.79 -2.89
CA ILE B 15 -15.94 20.67 -2.21
C ILE B 15 -17.30 20.98 -1.57
N LYS B 16 -17.45 22.20 -1.07
CA LYS B 16 -18.71 22.60 -0.44
C LYS B 16 -19.73 23.10 -1.44
N ARG B 17 -19.28 23.93 -2.38
CA ARG B 17 -20.16 24.48 -3.38
C ARG B 17 -20.05 23.75 -4.71
N GLY B 18 -19.13 22.79 -4.77
CA GLY B 18 -18.94 22.02 -5.99
C GLY B 18 -19.74 20.72 -5.97
N LYS B 19 -19.87 20.10 -7.14
CA LYS B 19 -20.64 18.86 -7.26
C LYS B 19 -20.03 17.96 -8.34
N GLY B 20 -20.49 16.72 -8.40
CA GLY B 20 -19.97 15.81 -9.40
C GLY B 20 -20.98 14.78 -9.83
N THR B 21 -20.59 13.94 -10.80
CA THR B 21 -21.44 12.87 -11.27
C THR B 21 -20.54 11.67 -11.54
N VAL B 22 -21.11 10.48 -11.52
CA VAL B 22 -20.34 9.28 -11.78
C VAL B 22 -21.04 8.43 -12.85
N SER B 23 -20.24 7.78 -13.69
CA SER B 23 -20.76 6.94 -14.78
C SER B 23 -19.93 5.69 -14.95
N THR B 24 -20.45 4.73 -15.70
CA THR B 24 -19.71 3.51 -16.01
C THR B 24 -19.79 3.28 -17.50
N GLU B 25 -18.84 2.55 -18.05
CA GLU B 25 -18.85 2.32 -19.49
C GLU B 25 -20.07 1.52 -19.94
N SER B 26 -20.60 0.68 -19.05
CA SER B 26 -21.78 -0.12 -19.39
C SER B 26 -23.01 0.76 -19.56
N GLY B 27 -23.01 1.92 -18.93
CA GLY B 27 -24.14 2.82 -19.02
C GLY B 27 -25.13 2.65 -17.87
N VAL B 28 -24.93 1.64 -17.02
CA VAL B 28 -25.83 1.42 -15.89
C VAL B 28 -25.83 2.64 -15.00
N LEU B 29 -24.70 3.33 -14.96
CA LEU B 29 -24.59 4.58 -14.23
C LEU B 29 -24.26 5.61 -15.29
N ASN B 30 -25.12 6.62 -15.42
CA ASN B 30 -24.90 7.65 -16.42
C ASN B 30 -25.15 9.01 -15.78
N GLN B 31 -24.07 9.69 -15.39
CA GLN B 31 -24.13 11.01 -14.79
C GLN B 31 -24.95 11.10 -13.53
N GLN B 32 -24.78 10.08 -12.69
CA GLN B 32 -25.46 10.00 -11.43
C GLN B 32 -24.75 10.95 -10.46
N PRO B 33 -25.50 11.84 -9.80
CA PRO B 33 -24.96 12.81 -8.84
C PRO B 33 -24.33 12.25 -7.57
N TYR B 34 -23.24 12.88 -7.12
CA TYR B 34 -22.57 12.51 -5.89
C TYR B 34 -21.82 13.73 -5.37
N GLY B 35 -21.54 13.75 -4.07
CA GLY B 35 -20.85 14.89 -3.51
C GLY B 35 -20.57 14.72 -2.02
N PHE B 36 -20.24 15.82 -1.37
CA PHE B 36 -19.93 15.83 0.05
C PHE B 36 -21.15 15.37 0.82
N ASN B 37 -22.31 15.89 0.43
CA ASN B 37 -23.58 15.57 1.09
C ASN B 37 -23.87 14.06 1.15
N THR B 38 -23.78 13.41 0.00
CA THR B 38 -24.06 11.98 -0.07
C THR B 38 -22.96 11.10 0.52
N ARG B 39 -21.71 11.59 0.51
CA ARG B 39 -20.64 10.76 1.02
C ARG B 39 -20.37 10.91 2.51
N PHE B 40 -20.45 12.13 3.01
CA PHE B 40 -20.15 12.40 4.41
C PHE B 40 -21.33 12.87 5.26
N GLU B 41 -22.39 13.37 4.63
CA GLU B 41 -23.52 13.88 5.39
C GLU B 41 -24.72 12.96 5.46
N GLY B 42 -24.54 11.71 5.03
CA GLY B 42 -25.63 10.76 5.08
C GLY B 42 -26.82 11.00 4.18
N GLU B 43 -26.73 11.94 3.25
CA GLU B 43 -27.84 12.18 2.35
C GLU B 43 -27.92 11.02 1.37
N LYS B 44 -29.12 10.54 1.09
CA LYS B 44 -29.28 9.42 0.16
C LYS B 44 -28.76 9.78 -1.22
N GLY B 45 -28.00 8.87 -1.80
CA GLY B 45 -27.42 9.10 -3.11
C GLY B 45 -26.21 8.21 -3.23
N THR B 46 -25.68 8.03 -4.43
CA THR B 46 -24.54 7.16 -4.59
C THR B 46 -23.25 7.79 -4.04
N ASN B 47 -22.23 6.95 -3.84
CA ASN B 47 -20.95 7.37 -3.31
C ASN B 47 -19.95 6.24 -3.56
N PRO B 48 -18.64 6.50 -3.39
CA PRO B 48 -17.64 5.45 -3.62
C PRO B 48 -17.81 4.17 -2.82
N GLU B 49 -18.20 4.33 -1.56
CA GLU B 49 -18.38 3.20 -0.64
C GLU B 49 -19.44 2.19 -1.08
N GLU B 50 -20.66 2.65 -1.35
CA GLU B 50 -21.69 1.68 -1.76
C GLU B 50 -21.31 1.03 -3.10
N LEU B 51 -20.58 1.74 -3.96
CA LEU B 51 -20.20 1.16 -5.23
C LEU B 51 -19.19 0.02 -5.00
N ILE B 52 -18.23 0.24 -4.09
CA ILE B 52 -17.24 -0.78 -3.77
C ILE B 52 -17.97 -1.94 -3.10
N GLY B 53 -18.93 -1.62 -2.25
CA GLY B 53 -19.71 -2.66 -1.58
C GLY B 53 -20.44 -3.54 -2.57
N ALA B 54 -21.06 -2.91 -3.58
CA ALA B 54 -21.79 -3.66 -4.60
C ALA B 54 -20.81 -4.55 -5.37
N ALA B 55 -19.68 -3.99 -5.79
CA ALA B 55 -18.67 -4.75 -6.53
C ALA B 55 -18.22 -5.95 -5.69
N HIS B 56 -17.99 -5.73 -4.40
CA HIS B 56 -17.54 -6.80 -3.52
C HIS B 56 -18.61 -7.89 -3.34
N ALA B 57 -19.86 -7.50 -3.11
CA ALA B 57 -20.92 -8.49 -2.94
C ALA B 57 -21.07 -9.33 -4.21
N ALA B 58 -20.95 -8.67 -5.35
CA ALA B 58 -21.07 -9.33 -6.64
C ALA B 58 -19.96 -10.32 -6.92
N CYS B 59 -18.72 -9.91 -6.64
CA CYS B 59 -17.57 -10.77 -6.90
C CYS B 59 -17.55 -11.95 -5.94
N PHE B 60 -17.92 -11.69 -4.69
CA PHE B 60 -17.96 -12.73 -3.67
C PHE B 60 -19.02 -13.76 -3.98
N SER B 61 -20.21 -13.29 -4.36
CA SER B 61 -21.30 -14.21 -4.64
C SER B 61 -20.97 -15.11 -5.82
N MSE B 62 -20.45 -14.52 -6.88
CA MSE B 62 -20.09 -15.29 -8.07
C MSE B 62 -18.99 -16.31 -7.75
O MSE B 62 -19.01 -17.45 -8.23
CB MSE B 62 -19.62 -14.34 -9.17
CG MSE B 62 -19.13 -15.02 -10.42
SE MSE B 62 -18.49 -13.71 -11.71
CE MSE B 62 -20.17 -13.22 -12.46
N ALA B 63 -18.04 -15.89 -6.92
CA ALA B 63 -16.94 -16.77 -6.53
C ALA B 63 -17.45 -17.94 -5.69
N LEU B 64 -18.42 -17.68 -4.83
CA LEU B 64 -18.98 -18.73 -3.99
C LEU B 64 -19.67 -19.78 -4.88
N SER B 65 -20.38 -19.32 -5.90
CA SER B 65 -21.06 -20.24 -6.81
C SER B 65 -20.04 -21.11 -7.54
N LEU B 66 -18.97 -20.48 -8.02
CA LEU B 66 -17.92 -21.18 -8.75
C LEU B 66 -17.29 -22.29 -7.92
N MSE B 67 -16.87 -21.93 -6.71
CA MSE B 67 -16.23 -22.88 -5.81
C MSE B 67 -17.16 -24.01 -5.40
O MSE B 67 -16.73 -25.17 -5.30
CB MSE B 67 -15.71 -22.15 -4.57
CG MSE B 67 -14.64 -21.13 -4.90
SE MSE B 67 -13.86 -20.36 -3.32
CE MSE B 67 -12.45 -21.66 -3.05
N LEU B 68 -18.42 -23.67 -5.18
CA LEU B 68 -19.42 -24.67 -4.81
C LEU B 68 -19.52 -25.67 -5.96
N GLY B 69 -19.54 -25.16 -7.19
CA GLY B 69 -19.62 -26.02 -8.35
C GLY B 69 -18.42 -26.95 -8.44
N GLU B 70 -17.22 -26.41 -8.21
CA GLU B 70 -16.01 -27.22 -8.27
C GLU B 70 -16.05 -28.33 -7.22
N ALA B 71 -16.83 -28.11 -6.16
CA ALA B 71 -16.97 -29.08 -5.09
C ALA B 71 -18.14 -30.04 -5.38
N GLY B 72 -18.75 -29.86 -6.55
CA GLY B 72 -19.86 -30.71 -6.93
C GLY B 72 -21.19 -30.27 -6.34
N PHE B 73 -21.34 -28.97 -6.14
CA PHE B 73 -22.57 -28.43 -5.56
C PHE B 73 -23.15 -27.30 -6.40
N THR B 74 -24.47 -27.17 -6.36
CA THR B 74 -25.13 -26.12 -7.11
C THR B 74 -25.97 -25.27 -6.19
N PRO B 75 -25.60 -23.99 -6.01
CA PRO B 75 -26.40 -23.14 -5.11
C PRO B 75 -27.73 -22.72 -5.74
N THR B 76 -28.80 -22.86 -4.96
CA THR B 76 -30.12 -22.46 -5.43
C THR B 76 -30.12 -20.93 -5.48
N SER B 77 -29.59 -20.31 -4.44
CA SER B 77 -29.56 -18.86 -4.37
C SER B 77 -28.52 -18.34 -3.37
N ILE B 78 -27.90 -17.22 -3.74
CA ILE B 78 -26.92 -16.58 -2.89
C ILE B 78 -27.31 -15.11 -2.79
N ASP B 79 -27.49 -14.62 -1.58
CA ASP B 79 -27.86 -13.21 -1.38
C ASP B 79 -26.85 -12.63 -0.43
N THR B 80 -26.02 -11.73 -0.94
CA THR B 80 -24.96 -11.11 -0.13
C THR B 80 -25.09 -9.59 0.00
N THR B 81 -24.82 -9.10 1.21
CA THR B 81 -24.85 -7.68 1.47
C THR B 81 -23.44 -7.29 1.93
N ALA B 82 -22.95 -6.14 1.49
CA ALA B 82 -21.63 -5.68 1.89
C ALA B 82 -21.76 -4.33 2.56
N ASP B 83 -21.44 -4.28 3.86
CA ASP B 83 -21.51 -3.05 4.66
C ASP B 83 -20.13 -2.42 4.71
N VAL B 84 -19.95 -1.31 3.99
CA VAL B 84 -18.65 -0.63 3.93
C VAL B 84 -18.48 0.46 4.98
N SER B 85 -17.45 0.34 5.81
CA SER B 85 -17.20 1.36 6.85
C SER B 85 -16.18 2.39 6.39
N LEU B 86 -16.57 3.66 6.48
CA LEU B 86 -15.67 4.76 6.13
C LEU B 86 -15.40 5.51 7.43
N ASP B 87 -14.19 5.35 7.97
CA ASP B 87 -13.82 6.01 9.22
C ASP B 87 -12.95 7.24 9.07
N LYS B 88 -13.04 8.12 10.06
CA LYS B 88 -12.26 9.34 10.11
C LYS B 88 -10.89 8.97 10.67
N VAL B 89 -9.83 9.45 10.04
CA VAL B 89 -8.46 9.19 10.49
C VAL B 89 -7.66 10.49 10.36
N ASP B 90 -6.48 10.54 10.96
CA ASP B 90 -5.63 11.73 10.92
C ASP B 90 -5.45 12.31 9.51
N ALA B 91 -5.26 11.44 8.53
CA ALA B 91 -5.06 11.87 7.16
C ALA B 91 -6.39 12.27 6.48
N GLY B 92 -7.50 12.02 7.17
CA GLY B 92 -8.81 12.35 6.62
C GLY B 92 -9.79 11.21 6.86
N PHE B 93 -9.97 10.36 5.85
CA PHE B 93 -10.87 9.22 5.98
C PHE B 93 -10.26 7.97 5.35
N ALA B 94 -10.77 6.81 5.75
CA ALA B 94 -10.27 5.55 5.19
C ALA B 94 -11.34 4.46 5.25
N ILE B 95 -11.33 3.57 4.24
CA ILE B 95 -12.26 2.45 4.19
C ILE B 95 -11.54 1.38 5.00
N THR B 96 -12.00 1.21 6.23
CA THR B 96 -11.40 0.29 7.19
C THR B 96 -11.97 -1.10 7.28
N LYS B 97 -13.21 -1.28 6.85
CA LYS B 97 -13.83 -2.59 6.93
C LYS B 97 -15.02 -2.76 6.02
N ILE B 98 -15.25 -4.00 5.62
CA ILE B 98 -16.39 -4.34 4.79
C ILE B 98 -16.97 -5.58 5.44
N ALA B 99 -18.20 -5.48 5.92
CA ALA B 99 -18.86 -6.61 6.56
C ALA B 99 -19.78 -7.33 5.60
N LEU B 100 -19.43 -8.56 5.23
CA LEU B 100 -20.25 -9.33 4.31
C LEU B 100 -21.28 -10.16 5.06
N LYS B 101 -22.54 -10.05 4.63
CA LYS B 101 -23.63 -10.81 5.23
C LYS B 101 -24.30 -11.59 4.11
N SER B 102 -24.28 -12.92 4.18
CA SER B 102 -24.83 -13.72 3.11
C SER B 102 -25.79 -14.85 3.54
N GLU B 103 -26.85 -15.02 2.76
CA GLU B 103 -27.83 -16.07 2.99
C GLU B 103 -27.69 -16.95 1.76
N VAL B 104 -27.29 -18.21 1.97
CA VAL B 104 -27.07 -19.15 0.87
C VAL B 104 -27.91 -20.40 1.06
N ALA B 105 -28.42 -20.92 -0.06
CA ALA B 105 -29.23 -22.12 -0.04
C ALA B 105 -28.56 -23.12 -0.99
N VAL B 106 -28.06 -24.22 -0.42
CA VAL B 106 -27.40 -25.27 -1.18
C VAL B 106 -27.92 -26.60 -0.63
N PRO B 107 -28.74 -27.30 -1.42
CA PRO B 107 -29.33 -28.59 -1.07
C PRO B 107 -28.38 -29.68 -0.57
N GLY B 108 -28.71 -30.23 0.59
CA GLY B 108 -27.95 -31.30 1.19
C GLY B 108 -26.45 -31.15 1.38
N ILE B 109 -25.93 -29.93 1.38
CA ILE B 109 -24.50 -29.77 1.58
C ILE B 109 -24.14 -29.82 3.07
N ASP B 110 -23.01 -30.43 3.37
CA ASP B 110 -22.53 -30.55 4.74
C ASP B 110 -22.20 -29.16 5.27
N ALA B 111 -22.56 -28.90 6.52
CA ALA B 111 -22.31 -27.60 7.14
C ALA B 111 -20.82 -27.32 7.24
N SER B 112 -20.05 -28.31 7.66
CA SER B 112 -18.60 -28.16 7.79
C SER B 112 -17.92 -27.94 6.44
N THR B 113 -18.35 -28.69 5.42
CA THR B 113 -17.79 -28.58 4.08
C THR B 113 -18.10 -27.19 3.52
N PHE B 114 -19.35 -26.76 3.67
CA PHE B 114 -19.79 -25.46 3.19
C PHE B 114 -18.95 -24.34 3.80
N ASP B 115 -18.75 -24.41 5.12
CA ASP B 115 -17.98 -23.37 5.78
C ASP B 115 -16.59 -23.23 5.17
N GLY B 116 -15.95 -24.36 4.90
CA GLY B 116 -14.63 -24.32 4.32
C GLY B 116 -14.64 -23.59 2.98
N ILE B 117 -15.67 -23.88 2.18
CA ILE B 117 -15.80 -23.27 0.87
C ILE B 117 -16.11 -21.77 0.92
N ILE B 118 -17.04 -21.39 1.79
CA ILE B 118 -17.40 -19.98 1.88
C ILE B 118 -16.27 -19.12 2.45
N GLN B 119 -15.48 -19.66 3.38
CA GLN B 119 -14.39 -18.88 3.94
C GLN B 119 -13.33 -18.69 2.87
N LYS B 120 -13.17 -19.68 2.00
CA LYS B 120 -12.18 -19.58 0.92
C LYS B 120 -12.66 -18.53 -0.08
N ALA B 121 -13.96 -18.44 -0.30
CA ALA B 121 -14.49 -17.45 -1.22
C ALA B 121 -14.34 -16.04 -0.64
N LYS B 122 -14.53 -15.93 0.67
CA LYS B 122 -14.43 -14.63 1.36
C LYS B 122 -13.04 -14.06 1.25
N ALA B 123 -12.04 -14.91 1.36
CA ALA B 123 -10.68 -14.40 1.30
C ALA B 123 -10.07 -14.57 -0.06
N GLY B 124 -10.72 -15.35 -0.91
CA GLY B 124 -10.13 -15.61 -2.22
C GLY B 124 -10.66 -14.88 -3.44
N CYS B 125 -11.89 -14.36 -3.40
CA CYS B 125 -12.39 -13.69 -4.59
C CYS B 125 -11.53 -12.47 -4.93
N PRO B 126 -11.46 -12.09 -6.22
CA PRO B 126 -10.67 -10.96 -6.69
C PRO B 126 -10.85 -9.68 -5.90
N VAL B 127 -12.08 -9.30 -5.62
CA VAL B 127 -12.28 -8.06 -4.90
C VAL B 127 -11.72 -8.14 -3.47
N SER B 128 -11.97 -9.23 -2.74
CA SER B 128 -11.42 -9.33 -1.39
C SER B 128 -9.90 -9.23 -1.44
N GLN B 129 -9.30 -9.94 -2.39
CA GLN B 129 -7.85 -9.95 -2.55
C GLN B 129 -7.23 -8.59 -2.82
N VAL B 130 -7.94 -7.69 -3.48
CA VAL B 130 -7.37 -6.40 -3.77
C VAL B 130 -7.59 -5.36 -2.67
N LEU B 131 -8.50 -5.63 -1.74
CA LEU B 131 -8.80 -4.70 -0.65
C LEU B 131 -7.89 -4.85 0.58
N LYS B 132 -7.57 -3.72 1.20
CA LYS B 132 -6.73 -3.74 2.39
C LYS B 132 -7.57 -3.69 3.66
N ALA B 133 -8.85 -3.37 3.51
CA ALA B 133 -9.77 -3.27 4.65
C ALA B 133 -10.02 -4.61 5.33
N GLU B 134 -10.41 -4.57 6.60
CA GLU B 134 -10.71 -5.80 7.32
C GLU B 134 -12.00 -6.33 6.69
N ILE B 135 -12.03 -7.62 6.39
CA ILE B 135 -13.21 -8.22 5.77
C ILE B 135 -13.80 -9.28 6.68
N THR B 136 -15.05 -9.11 7.09
CA THR B 136 -15.72 -10.09 7.94
C THR B 136 -16.85 -10.74 7.16
N LEU B 137 -17.27 -11.91 7.64
CA LEU B 137 -18.33 -12.67 6.99
C LEU B 137 -19.24 -13.32 8.02
N ASP B 138 -20.53 -13.09 7.86
CA ASP B 138 -21.57 -13.65 8.71
C ASP B 138 -22.57 -14.25 7.72
N TYR B 139 -22.83 -15.55 7.83
CA TYR B 139 -23.76 -16.19 6.91
C TYR B 139 -24.73 -17.15 7.57
N GLN B 140 -25.73 -17.54 6.79
CA GLN B 140 -26.76 -18.48 7.21
C GLN B 140 -26.90 -19.48 6.07
N LEU B 141 -26.74 -20.75 6.38
CA LEU B 141 -26.84 -21.79 5.37
C LEU B 141 -28.16 -22.55 5.44
N LYS B 142 -28.82 -22.67 4.29
CA LYS B 142 -30.07 -23.43 4.22
C LYS B 142 -29.75 -24.63 3.34
N SER B 143 -29.80 -25.81 3.92
CA SER B 143 -29.50 -27.04 3.19
C SER B 143 -30.51 -28.13 3.51
N THR C 2 13.67 7.06 25.41
CA THR C 2 14.07 6.48 24.10
C THR C 2 12.98 6.63 23.04
N ILE C 3 13.39 6.85 21.79
CA ILE C 3 12.48 7.00 20.67
C ILE C 3 12.22 5.62 20.05
N HIS C 4 10.95 5.30 19.80
CA HIS C 4 10.57 4.02 19.18
C HIS C 4 9.74 4.26 17.93
N LYS C 5 10.13 3.62 16.82
CA LYS C 5 9.43 3.73 15.54
C LYS C 5 9.15 2.31 15.06
N LYS C 6 7.95 2.08 14.54
CA LYS C 6 7.54 0.75 14.12
C LYS C 6 7.22 0.52 12.65
N GLY C 7 7.62 -0.66 12.17
CA GLY C 7 7.36 -1.04 10.80
C GLY C 7 6.78 -2.44 10.90
N GLN C 8 6.06 -2.90 9.89
CA GLN C 8 5.50 -4.24 9.95
C GLN C 8 5.37 -4.87 8.56
N ALA C 9 5.16 -6.19 8.55
CA ALA C 9 5.00 -6.91 7.30
C ALA C 9 4.09 -8.11 7.50
N HIS C 10 3.53 -8.60 6.40
CA HIS C 10 2.63 -9.73 6.42
C HIS C 10 3.06 -10.64 5.29
N TRP C 11 2.96 -11.94 5.51
CA TRP C 11 3.29 -12.90 4.47
C TRP C 11 2.39 -14.10 4.60
N GLU C 12 2.09 -14.73 3.46
CA GLU C 12 1.24 -15.91 3.44
C GLU C 12 1.74 -16.87 2.37
N SER C 13 1.68 -18.15 2.68
CA SER C 13 2.09 -19.23 1.80
C SER C 13 3.61 -19.30 1.62
N ASP C 14 4.06 -20.11 0.65
CA ASP C 14 5.50 -20.25 0.41
C ASP C 14 6.13 -19.07 -0.31
N ILE C 15 7.41 -19.19 -0.65
CA ILE C 15 8.14 -18.12 -1.32
C ILE C 15 7.86 -17.99 -2.82
N LYS C 16 7.47 -19.09 -3.45
CA LYS C 16 7.20 -19.04 -4.88
C LYS C 16 5.77 -18.63 -5.20
N ARG C 17 4.80 -19.26 -4.54
CA ARG C 17 3.41 -18.92 -4.80
C ARG C 17 2.83 -18.03 -3.72
N GLY C 18 3.65 -17.68 -2.74
CA GLY C 18 3.20 -16.82 -1.65
C GLY C 18 3.39 -15.35 -1.94
N LYS C 19 2.83 -14.51 -1.07
CA LYS C 19 2.95 -13.07 -1.26
C LYS C 19 2.93 -12.35 0.07
N GLY C 20 3.33 -11.08 0.07
CA GLY C 20 3.33 -10.35 1.32
C GLY C 20 3.05 -8.88 1.13
N THR C 21 3.00 -8.15 2.24
CA THR C 21 2.80 -6.71 2.20
C THR C 21 3.65 -6.12 3.31
N VAL C 22 3.95 -4.83 3.19
CA VAL C 22 4.76 -4.14 4.18
C VAL C 22 4.10 -2.81 4.52
N SER C 23 4.17 -2.44 5.80
CA SER C 23 3.56 -1.20 6.28
C SER C 23 4.46 -0.48 7.28
N THR C 24 4.13 0.77 7.56
CA THR C 24 4.87 1.57 8.53
C THR C 24 3.82 2.19 9.43
N GLU C 25 4.19 2.54 10.64
CA GLU C 25 3.24 3.12 11.57
C GLU C 25 2.72 4.49 11.10
N SER C 26 3.54 5.24 10.37
CA SER C 26 3.12 6.56 9.88
C SER C 26 2.07 6.44 8.78
N GLY C 27 2.04 5.28 8.12
CA GLY C 27 1.10 5.07 7.04
C GLY C 27 1.67 5.29 5.64
N VAL C 28 2.89 5.83 5.55
CA VAL C 28 3.50 6.08 4.23
C VAL C 28 3.51 4.78 3.42
N LEU C 29 3.55 3.67 4.15
CA LEU C 29 3.49 2.33 3.57
C LEU C 29 2.30 1.69 4.27
N ASN C 30 1.30 1.29 3.50
CA ASN C 30 0.11 0.68 4.08
C ASN C 30 -0.24 -0.59 3.31
N GLN C 31 0.20 -1.72 3.83
CA GLN C 31 -0.02 -3.02 3.21
C GLN C 31 0.44 -2.99 1.75
N GLN C 32 1.64 -2.46 1.54
CA GLN C 32 2.19 -2.39 0.19
C GLN C 32 2.71 -3.75 -0.22
N PRO C 33 2.22 -4.27 -1.35
CA PRO C 33 2.68 -5.58 -1.82
C PRO C 33 4.19 -5.67 -2.05
N TYR C 34 4.73 -6.86 -1.79
CA TYR C 34 6.13 -7.16 -2.04
C TYR C 34 6.26 -8.68 -2.11
N GLY C 35 7.32 -9.16 -2.75
CA GLY C 35 7.51 -10.60 -2.86
C GLY C 35 8.78 -10.97 -3.60
N PHE C 36 8.88 -12.25 -3.96
CA PHE C 36 10.07 -12.74 -4.67
C PHE C 36 10.25 -11.93 -5.94
N ASN C 37 9.14 -11.69 -6.64
CA ASN C 37 9.17 -10.96 -7.90
C ASN C 37 9.81 -9.58 -7.78
N THR C 38 9.37 -8.77 -6.81
CA THR C 38 9.92 -7.43 -6.67
C THR C 38 11.31 -7.39 -6.03
N ARG C 39 11.66 -8.40 -5.23
CA ARG C 39 12.98 -8.37 -4.58
C ARG C 39 14.09 -9.01 -5.41
N PHE C 40 13.79 -10.16 -6.01
CA PHE C 40 14.80 -10.89 -6.77
C PHE C 40 14.62 -10.93 -8.27
N GLU C 41 13.42 -10.67 -8.76
CA GLU C 41 13.16 -10.74 -10.20
C GLU C 41 13.07 -9.40 -10.93
N GLY C 42 13.42 -8.33 -10.23
CA GLY C 42 13.41 -7.00 -10.83
C GLY C 42 12.05 -6.40 -11.17
N GLU C 43 10.97 -6.99 -10.69
CA GLU C 43 9.64 -6.44 -10.97
C GLU C 43 9.44 -5.16 -10.18
N LYS C 44 8.95 -4.12 -10.84
CA LYS C 44 8.72 -2.85 -10.16
C LYS C 44 7.85 -3.03 -8.93
N GLY C 45 8.33 -2.52 -7.80
CA GLY C 45 7.56 -2.65 -6.57
C GLY C 45 8.49 -2.45 -5.39
N THR C 46 7.95 -2.30 -4.18
CA THR C 46 8.85 -2.10 -3.05
C THR C 46 9.56 -3.39 -2.66
N ASN C 47 10.57 -3.24 -1.81
CA ASN C 47 11.38 -4.36 -1.36
C ASN C 47 12.23 -3.79 -0.22
N PRO C 48 12.78 -4.67 0.64
CA PRO C 48 13.61 -4.21 1.76
C PRO C 48 14.75 -3.30 1.34
N GLU C 49 15.44 -3.66 0.26
CA GLU C 49 16.57 -2.87 -0.20
C GLU C 49 16.26 -1.41 -0.49
N GLU C 50 15.19 -1.12 -1.22
CA GLU C 50 14.90 0.28 -1.49
C GLU C 50 14.47 1.02 -0.21
N LEU C 51 13.86 0.31 0.73
CA LEU C 51 13.43 0.96 1.97
C LEU C 51 14.67 1.33 2.81
N ILE C 52 15.68 0.47 2.79
CA ILE C 52 16.91 0.78 3.53
C ILE C 52 17.61 1.95 2.84
N GLY C 53 17.58 1.95 1.51
CA GLY C 53 18.19 3.04 0.76
C GLY C 53 17.54 4.38 1.07
N ALA C 54 16.20 4.40 1.06
CA ALA C 54 15.48 5.65 1.33
C ALA C 54 15.80 6.14 2.74
N ALA C 55 15.87 5.22 3.70
CA ALA C 55 16.18 5.57 5.08
C ALA C 55 17.58 6.16 5.19
N HIS C 56 18.52 5.52 4.51
CA HIS C 56 19.90 5.98 4.54
C HIS C 56 20.06 7.34 3.90
N ALA C 57 19.45 7.52 2.73
CA ALA C 57 19.52 8.80 2.04
C ALA C 57 18.93 9.89 2.92
N ALA C 58 17.83 9.57 3.60
CA ALA C 58 17.17 10.54 4.47
C ALA C 58 18.00 10.88 5.70
N CYS C 59 18.50 9.86 6.40
CA CYS C 59 19.31 10.09 7.59
C CYS C 59 20.56 10.90 7.24
N PHE C 60 21.30 10.42 6.24
CA PHE C 60 22.51 11.10 5.79
C PHE C 60 22.27 12.56 5.41
N SER C 61 21.22 12.83 4.64
CA SER C 61 20.96 14.20 4.21
C SER C 61 20.69 15.12 5.41
N MSE C 62 19.91 14.64 6.37
CA MSE C 62 19.61 15.43 7.56
C MSE C 62 20.88 15.63 8.37
O MSE C 62 21.13 16.71 8.88
CB MSE C 62 18.55 14.71 8.42
CG MSE C 62 18.17 15.45 9.70
SE MSE C 62 16.93 14.38 10.75
CE MSE C 62 15.33 14.80 9.79
N ALA C 63 21.68 14.56 8.49
CA ALA C 63 22.92 14.65 9.23
C ALA C 63 23.87 15.69 8.61
N LEU C 64 23.92 15.75 7.28
CA LEU C 64 24.78 16.72 6.62
C LEU C 64 24.32 18.15 6.92
N SER C 65 23.01 18.40 6.87
CA SER C 65 22.52 19.74 7.15
C SER C 65 22.86 20.15 8.58
N LEU C 66 22.71 19.21 9.51
CA LEU C 66 23.00 19.46 10.93
C LEU C 66 24.48 19.79 11.11
N MSE C 67 25.35 18.95 10.58
CA MSE C 67 26.78 19.18 10.73
C MSE C 67 27.24 20.48 10.10
O MSE C 67 28.12 21.15 10.63
CB MSE C 67 27.55 17.99 10.15
CG MSE C 67 27.22 16.72 10.92
SE MSE C 67 28.47 15.29 10.70
CE MSE C 67 29.78 15.93 12.00
N LEU C 68 26.64 20.84 8.97
CA LEU C 68 26.99 22.10 8.32
C LEU C 68 26.57 23.25 9.22
N GLY C 69 25.43 23.10 9.88
CA GLY C 69 24.93 24.13 10.77
C GLY C 69 25.87 24.38 11.93
N GLU C 70 26.39 23.30 12.50
CA GLU C 70 27.31 23.39 13.63
C GLU C 70 28.57 24.16 13.20
N ALA C 71 28.95 24.00 11.93
CA ALA C 71 30.13 24.68 11.40
C ALA C 71 29.77 26.11 11.02
N GLY C 72 28.47 26.43 11.12
CA GLY C 72 28.00 27.77 10.81
C GLY C 72 27.62 27.96 9.35
N PHE C 73 27.20 26.87 8.70
CA PHE C 73 26.80 26.92 7.29
C PHE C 73 25.36 26.46 7.12
N THR C 74 24.70 26.98 6.09
CA THR C 74 23.33 26.60 5.82
C THR C 74 23.23 26.11 4.39
N PRO C 75 22.91 24.83 4.16
CA PRO C 75 22.81 24.30 2.80
C PRO C 75 21.54 24.75 2.06
N THR C 76 21.70 25.18 0.81
CA THR C 76 20.57 25.61 -0.01
C THR C 76 19.77 24.35 -0.33
N SER C 77 20.48 23.31 -0.74
CA SER C 77 19.83 22.05 -1.07
C SER C 77 20.78 20.87 -0.98
N ILE C 78 20.20 19.73 -0.64
CA ILE C 78 20.95 18.48 -0.54
C ILE C 78 20.06 17.43 -1.20
N ASP C 79 20.59 16.78 -2.22
CA ASP C 79 19.86 15.75 -2.94
C ASP C 79 20.73 14.51 -2.94
N THR C 80 20.26 13.47 -2.24
CA THR C 80 21.03 12.25 -2.12
C THR C 80 20.31 11.01 -2.62
N THR C 81 21.07 10.12 -3.26
CA THR C 81 20.52 8.88 -3.75
C THR C 81 21.32 7.77 -3.08
N ALA C 82 20.64 6.72 -2.63
CA ALA C 82 21.34 5.61 -2.00
C ALA C 82 21.10 4.37 -2.84
N ASP C 83 22.17 3.84 -3.41
CA ASP C 83 22.10 2.66 -4.26
C ASP C 83 22.49 1.43 -3.43
N VAL C 84 21.51 0.58 -3.12
CA VAL C 84 21.72 -0.61 -2.29
C VAL C 84 22.03 -1.87 -3.10
N SER C 85 23.12 -2.55 -2.74
CA SER C 85 23.52 -3.78 -3.44
C SER C 85 23.14 -5.02 -2.66
N LEU C 86 22.41 -5.91 -3.33
CA LEU C 86 21.99 -7.19 -2.75
C LEU C 86 22.68 -8.25 -3.62
N ASP C 87 23.70 -8.88 -3.04
CA ASP C 87 24.52 -9.87 -3.72
C ASP C 87 24.30 -11.31 -3.28
N LYS C 88 24.58 -12.24 -4.20
CA LYS C 88 24.48 -13.65 -3.88
C LYS C 88 25.83 -13.99 -3.23
N VAL C 89 25.79 -14.61 -2.05
CA VAL C 89 27.00 -15.01 -1.33
C VAL C 89 26.83 -16.49 -1.00
N ASP C 90 27.83 -17.10 -0.34
CA ASP C 90 27.72 -18.53 -0.03
C ASP C 90 26.50 -18.93 0.81
N ALA C 91 26.22 -18.18 1.87
CA ALA C 91 25.09 -18.50 2.74
C ALA C 91 23.73 -18.18 2.12
N GLY C 92 23.75 -17.43 1.02
CA GLY C 92 22.50 -17.06 0.38
C GLY C 92 22.70 -15.70 -0.23
N PHE C 93 22.14 -14.66 0.41
CA PHE C 93 22.25 -13.29 -0.08
C PHE C 93 22.61 -12.35 1.05
N ALA C 94 23.22 -11.22 0.70
CA ALA C 94 23.58 -10.22 1.70
C ALA C 94 23.62 -8.83 1.09
N ILE C 95 23.33 -7.82 1.91
CA ILE C 95 23.38 -6.42 1.49
C ILE C 95 24.84 -6.07 1.73
N THR C 96 25.59 -6.04 0.63
CA THR C 96 27.03 -5.83 0.67
C THR C 96 27.54 -4.40 0.59
N LYS C 97 26.74 -3.53 -0.01
CA LYS C 97 27.19 -2.16 -0.17
C LYS C 97 26.06 -1.17 -0.40
N ILE C 98 26.30 0.06 0.02
CA ILE C 98 25.35 1.12 -0.21
C ILE C 98 26.19 2.27 -0.75
N ALA C 99 25.89 2.66 -1.98
CA ALA C 99 26.59 3.75 -2.64
C ALA C 99 25.76 5.03 -2.56
N LEU C 100 26.28 6.00 -1.82
CA LEU C 100 25.60 7.28 -1.67
C LEU C 100 26.14 8.25 -2.69
N LYS C 101 25.24 8.95 -3.37
CA LYS C 101 25.62 9.94 -4.37
C LYS C 101 24.80 11.18 -4.02
N SER C 102 25.49 12.27 -3.72
CA SER C 102 24.79 13.47 -3.31
C SER C 102 25.26 14.72 -4.07
N GLU C 103 24.30 15.61 -4.30
CA GLU C 103 24.53 16.88 -4.95
C GLU C 103 24.17 17.89 -3.87
N VAL C 104 25.15 18.68 -3.46
CA VAL C 104 24.95 19.64 -2.39
C VAL C 104 25.32 21.05 -2.79
N ALA C 105 24.48 22.00 -2.40
CA ALA C 105 24.72 23.40 -2.70
C ALA C 105 24.87 24.17 -1.39
N VAL C 106 26.06 24.72 -1.17
CA VAL C 106 26.38 25.52 0.02
C VAL C 106 27.20 26.71 -0.50
N PRO C 107 26.58 27.90 -0.61
CA PRO C 107 27.26 29.11 -1.10
C PRO C 107 28.52 29.53 -0.35
N GLY C 108 29.62 29.64 -1.09
CA GLY C 108 30.88 30.09 -0.53
C GLY C 108 31.65 29.25 0.47
N ILE C 109 31.30 27.98 0.63
CA ILE C 109 32.04 27.14 1.58
C ILE C 109 33.34 26.64 0.95
N ASP C 110 34.37 26.51 1.77
CA ASP C 110 35.66 26.04 1.30
C ASP C 110 35.56 24.55 0.95
N ALA C 111 36.10 24.17 -0.21
CA ALA C 111 36.03 22.79 -0.67
C ALA C 111 36.60 21.81 0.35
N SER C 112 37.77 22.14 0.91
CA SER C 112 38.40 21.27 1.89
C SER C 112 37.54 21.18 3.15
N THR C 113 37.05 22.32 3.62
CA THR C 113 36.21 22.34 4.81
C THR C 113 34.96 21.49 4.60
N PHE C 114 34.34 21.64 3.45
CA PHE C 114 33.14 20.88 3.14
C PHE C 114 33.40 19.38 3.15
N ASP C 115 34.51 18.96 2.53
CA ASP C 115 34.83 17.53 2.47
C ASP C 115 34.92 16.93 3.86
N GLY C 116 35.50 17.68 4.81
CA GLY C 116 35.61 17.17 6.16
C GLY C 116 34.23 16.92 6.75
N ILE C 117 33.36 17.90 6.55
CA ILE C 117 32.00 17.82 7.04
C ILE C 117 31.21 16.69 6.42
N ILE C 118 31.20 16.59 5.10
CA ILE C 118 30.41 15.54 4.48
C ILE C 118 30.94 14.13 4.79
N GLN C 119 32.27 13.98 4.92
CA GLN C 119 32.83 12.67 5.24
C GLN C 119 32.40 12.28 6.65
N LYS C 120 32.37 13.26 7.55
CA LYS C 120 31.96 13.03 8.93
C LYS C 120 30.51 12.60 8.98
N ALA C 121 29.68 13.20 8.14
CA ALA C 121 28.27 12.86 8.09
C ALA C 121 28.04 11.48 7.50
N LYS C 122 28.87 11.12 6.52
CA LYS C 122 28.77 9.83 5.85
C LYS C 122 29.08 8.70 6.82
N ALA C 123 30.06 8.90 7.69
CA ALA C 123 30.40 7.82 8.61
C ALA C 123 29.68 7.93 9.95
N GLY C 124 29.19 9.12 10.26
CA GLY C 124 28.57 9.32 11.55
C GLY C 124 27.05 9.33 11.71
N CYS C 125 26.29 9.45 10.63
CA CYS C 125 24.85 9.46 10.79
C CYS C 125 24.35 8.11 11.30
N PRO C 126 23.26 8.12 12.08
CA PRO C 126 22.68 6.90 12.64
C PRO C 126 22.56 5.71 11.70
N VAL C 127 22.01 5.91 10.50
CA VAL C 127 21.88 4.78 9.59
C VAL C 127 23.22 4.25 9.11
N SER C 128 24.19 5.11 8.81
CA SER C 128 25.49 4.60 8.39
C SER C 128 26.10 3.80 9.53
N GLN C 129 25.99 4.31 10.75
CA GLN C 129 26.55 3.63 11.89
C GLN C 129 25.95 2.24 12.16
N VAL C 130 24.68 2.05 11.85
CA VAL C 130 24.04 0.75 12.10
C VAL C 130 24.25 -0.33 11.04
N LEU C 131 24.70 0.07 9.85
CA LEU C 131 24.93 -0.85 8.74
C LEU C 131 26.33 -1.43 8.64
N LYS C 132 26.40 -2.72 8.31
CA LYS C 132 27.68 -3.40 8.16
C LYS C 132 28.14 -3.38 6.70
N ALA C 133 27.25 -2.98 5.80
CA ALA C 133 27.60 -2.93 4.39
C ALA C 133 28.63 -1.84 4.11
N GLU C 134 29.44 -2.04 3.08
CA GLU C 134 30.42 -1.04 2.69
C GLU C 134 29.63 0.18 2.25
N ILE C 135 30.04 1.35 2.69
CA ILE C 135 29.36 2.60 2.33
C ILE C 135 30.33 3.52 1.59
N THR C 136 29.95 3.91 0.38
CA THR C 136 30.79 4.80 -0.42
C THR C 136 30.06 6.14 -0.58
N LEU C 137 30.81 7.19 -0.93
CA LEU C 137 30.23 8.50 -1.11
C LEU C 137 30.85 9.20 -2.30
N ASP C 138 30.01 9.70 -3.18
CA ASP C 138 30.46 10.46 -4.34
C ASP C 138 29.59 11.66 -4.31
N TYR C 139 30.18 12.84 -4.35
CA TYR C 139 29.36 14.03 -4.29
C TYR C 139 29.85 15.10 -5.23
N GLN C 140 29.01 16.11 -5.42
CA GLN C 140 29.36 17.24 -6.26
C GLN C 140 28.94 18.45 -5.42
N LEU C 141 29.87 19.36 -5.16
CA LEU C 141 29.57 20.55 -4.36
C LEU C 141 29.39 21.78 -5.25
N LYS C 142 28.29 22.51 -5.03
CA LYS C 142 28.02 23.74 -5.76
C LYS C 142 28.17 24.83 -4.70
N SER C 143 29.22 25.64 -4.84
CA SER C 143 29.49 26.69 -3.88
C SER C 143 29.90 27.98 -4.59
N THR D 2 24.70 -8.49 -9.40
CA THR D 2 24.02 -8.03 -8.14
C THR D 2 22.74 -7.26 -8.37
N ILE D 3 21.87 -7.27 -7.38
CA ILE D 3 20.58 -6.59 -7.43
C ILE D 3 20.75 -5.17 -6.86
N HIS D 4 20.38 -4.17 -7.65
CA HIS D 4 20.49 -2.77 -7.22
C HIS D 4 19.12 -2.13 -7.05
N LYS D 5 18.88 -1.59 -5.85
CA LYS D 5 17.62 -0.91 -5.53
C LYS D 5 18.00 0.45 -4.99
N LYS D 6 17.23 1.48 -5.35
CA LYS D 6 17.55 2.84 -4.93
C LYS D 6 16.49 3.59 -4.14
N GLY D 7 16.97 4.46 -3.24
CA GLY D 7 16.08 5.29 -2.42
C GLY D 7 16.67 6.69 -2.53
N GLN D 8 15.88 7.72 -2.25
CA GLN D 8 16.40 9.07 -2.37
C GLN D 8 15.81 10.01 -1.33
N ALA D 9 16.47 11.14 -1.14
CA ALA D 9 15.99 12.13 -0.19
C ALA D 9 16.47 13.51 -0.63
N HIS D 10 15.72 14.51 -0.19
CA HIS D 10 15.99 15.90 -0.49
C HIS D 10 15.87 16.69 0.80
N TRP D 11 16.75 17.67 0.98
CA TRP D 11 16.72 18.50 2.16
C TRP D 11 17.09 19.92 1.78
N GLU D 12 16.46 20.90 2.43
CA GLU D 12 16.73 22.30 2.16
C GLU D 12 16.82 23.08 3.47
N SER D 13 17.74 24.04 3.52
CA SER D 13 17.93 24.88 4.70
C SER D 13 18.50 24.12 5.91
N ASP D 14 18.47 24.73 7.09
CA ASP D 14 19.02 24.07 8.29
C ASP D 14 18.11 22.99 8.87
N ILE D 15 18.44 22.51 10.07
CA ILE D 15 17.68 21.45 10.72
C ILE D 15 16.42 21.92 11.47
N LYS D 16 16.47 23.15 11.99
CA LYS D 16 15.33 23.68 12.72
C LYS D 16 14.29 24.35 11.84
N ARG D 17 14.75 25.05 10.80
CA ARG D 17 13.84 25.72 9.88
C ARG D 17 13.79 25.02 8.53
N GLY D 18 14.70 24.06 8.33
CA GLY D 18 14.74 23.34 7.08
C GLY D 18 13.77 22.18 7.04
N LYS D 19 13.60 21.58 5.87
CA LYS D 19 12.68 20.45 5.70
C LYS D 19 13.20 19.53 4.61
N GLY D 20 12.65 18.32 4.53
CA GLY D 20 13.09 17.39 3.51
C GLY D 20 12.00 16.46 3.05
N THR D 21 12.30 15.64 2.05
CA THR D 21 11.37 14.65 1.54
C THR D 21 12.15 13.37 1.29
N VAL D 22 11.44 12.25 1.25
CA VAL D 22 12.07 10.97 1.00
C VAL D 22 11.24 10.25 -0.07
N SER D 23 11.93 9.54 -0.96
CA SER D 23 11.31 8.81 -2.07
C SER D 23 11.98 7.47 -2.35
N THR D 24 11.29 6.62 -3.09
CA THR D 24 11.83 5.33 -3.48
C THR D 24 11.71 5.18 -4.99
N GLU D 25 12.60 4.40 -5.59
CA GLU D 25 12.54 4.22 -7.03
C GLU D 25 11.22 3.58 -7.46
N SER D 26 10.64 2.76 -6.60
CA SER D 26 9.38 2.10 -6.93
C SER D 26 8.25 3.11 -7.00
N GLY D 27 8.44 4.26 -6.36
CA GLY D 27 7.40 5.26 -6.34
C GLY D 27 6.45 5.15 -5.16
N VAL D 28 6.57 4.09 -4.36
CA VAL D 28 5.70 3.94 -3.21
C VAL D 28 5.86 5.14 -2.30
N LEU D 29 7.08 5.66 -2.22
CA LEU D 29 7.33 6.87 -1.46
C LEU D 29 7.63 7.91 -2.53
N ASN D 30 6.90 9.01 -2.53
CA ASN D 30 7.13 10.04 -3.52
C ASN D 30 7.16 11.39 -2.81
N GLN D 31 8.38 11.83 -2.55
CA GLN D 31 8.62 13.09 -1.87
C GLN D 31 7.84 13.19 -0.58
N GLN D 32 7.84 12.12 0.17
CA GLN D 32 7.13 12.11 1.44
C GLN D 32 7.89 13.00 2.42
N PRO D 33 7.20 13.95 3.06
CA PRO D 33 7.83 14.86 4.01
C PRO D 33 8.41 14.19 5.25
N TYR D 34 9.52 14.74 5.75
CA TYR D 34 10.16 14.23 6.96
C TYR D 34 11.04 15.34 7.52
N GLY D 35 11.34 15.28 8.80
CA GLY D 35 12.17 16.31 9.39
C GLY D 35 12.50 16.07 10.85
N PHE D 36 13.04 17.10 11.49
CA PHE D 36 13.39 17.03 12.90
C PHE D 36 12.16 16.66 13.71
N ASN D 37 11.04 17.26 13.33
CA ASN D 37 9.76 17.04 14.01
C ASN D 37 9.35 15.57 14.03
N THR D 38 9.27 14.95 12.86
CA THR D 38 8.85 13.57 12.77
C THR D 38 9.86 12.56 13.28
N ARG D 39 11.14 12.91 13.25
CA ARG D 39 12.14 11.97 13.72
C ARG D 39 12.46 12.06 15.21
N PHE D 40 12.56 13.28 15.72
CA PHE D 40 12.90 13.48 17.13
C PHE D 40 11.81 14.08 18.03
N GLU D 41 10.77 14.66 17.44
CA GLU D 41 9.72 15.27 18.25
C GLU D 41 8.41 14.47 18.29
N GLY D 42 8.46 13.25 17.77
CA GLY D 42 7.30 12.39 17.77
C GLY D 42 6.11 12.80 16.93
N GLU D 43 6.27 13.81 16.08
CA GLU D 43 5.17 14.23 15.23
C GLU D 43 4.97 13.13 14.19
N LYS D 44 3.71 12.76 13.95
CA LYS D 44 3.38 11.71 12.98
C LYS D 44 3.96 12.00 11.60
N GLY D 45 4.62 11.00 11.03
CA GLY D 45 5.22 11.16 9.71
C GLY D 45 6.33 10.16 9.56
N THR D 46 6.79 9.93 8.32
CA THR D 46 7.85 8.96 8.11
C THR D 46 9.19 9.42 8.68
N ASN D 47 10.11 8.46 8.77
CA ASN D 47 11.46 8.69 9.28
C ASN D 47 12.34 7.51 8.93
N PRO D 48 13.66 7.66 9.05
CA PRO D 48 14.55 6.54 8.71
C PRO D 48 14.27 5.30 9.52
N GLU D 49 13.95 5.48 10.81
CA GLU D 49 13.70 4.34 11.69
C GLU D 49 12.54 3.42 11.29
N GLU D 50 11.37 3.96 10.99
CA GLU D 50 10.28 3.07 10.60
C GLU D 50 10.56 2.40 9.27
N LEU D 51 11.28 3.09 8.39
CA LEU D 51 11.58 2.50 7.09
C LEU D 51 12.52 1.31 7.28
N ILE D 52 13.50 1.47 8.15
CA ILE D 52 14.40 0.37 8.41
C ILE D 52 13.60 -0.75 9.05
N GLY D 53 12.70 -0.40 9.98
CA GLY D 53 11.88 -1.43 10.63
C GLY D 53 11.01 -2.17 9.63
N ALA D 54 10.39 -1.43 8.71
CA ALA D 54 9.55 -2.05 7.70
C ALA D 54 10.42 -2.98 6.84
N ALA D 55 11.62 -2.53 6.45
CA ALA D 55 12.49 -3.37 5.64
C ALA D 55 12.83 -4.69 6.36
N HIS D 56 13.17 -4.58 7.63
CA HIS D 56 13.53 -5.72 8.46
C HIS D 56 12.38 -6.71 8.64
N ALA D 57 11.21 -6.19 8.99
CA ALA D 57 10.04 -7.04 9.18
C ALA D 57 9.75 -7.80 7.87
N ALA D 58 9.85 -7.10 6.74
CA ALA D 58 9.58 -7.70 5.43
C ALA D 58 10.60 -8.80 5.07
N CYS D 59 11.88 -8.54 5.31
CA CYS D 59 12.94 -9.50 5.01
C CYS D 59 12.83 -10.69 5.95
N PHE D 60 12.63 -10.41 7.23
CA PHE D 60 12.51 -11.48 8.22
C PHE D 60 11.36 -12.40 7.88
N SER D 61 10.20 -11.81 7.60
CA SER D 61 9.01 -12.60 7.29
C SER D 61 9.21 -13.48 6.05
N MSE D 62 9.79 -12.91 5.00
CA MSE D 62 10.04 -13.67 3.78
C MSE D 62 11.03 -14.81 4.04
O MSE D 62 10.83 -15.93 3.58
CB MSE D 62 10.61 -12.73 2.70
CG MSE D 62 11.03 -13.42 1.43
SE MSE D 62 11.69 -12.12 0.10
CE MSE D 62 9.98 -11.47 -0.47
N ALA D 63 12.09 -14.53 4.79
CA ALA D 63 13.10 -15.54 5.12
C ALA D 63 12.50 -16.69 5.93
N LEU D 64 11.60 -16.37 6.86
CA LEU D 64 10.96 -17.39 7.68
C LEU D 64 10.17 -18.33 6.78
N SER D 65 9.41 -17.76 5.84
CA SER D 65 8.61 -18.58 4.92
C SER D 65 9.53 -19.52 4.15
N LEU D 66 10.63 -18.99 3.62
CA LEU D 66 11.57 -19.79 2.86
C LEU D 66 12.14 -20.95 3.69
N MSE D 67 12.66 -20.62 4.87
CA MSE D 67 13.25 -21.64 5.72
C MSE D 67 12.23 -22.71 6.10
O MSE D 67 12.55 -23.91 6.14
CB MSE D 67 13.88 -21.00 6.96
CG MSE D 67 15.02 -20.03 6.62
SE MSE D 67 16.07 -19.40 8.13
CE MSE D 67 17.46 -20.76 8.11
N LEU D 68 10.99 -22.31 6.37
CA LEU D 68 9.94 -23.26 6.71
C LEU D 68 9.75 -24.20 5.52
N GLY D 69 9.74 -23.63 4.33
CA GLY D 69 9.57 -24.42 3.12
C GLY D 69 10.68 -25.44 2.96
N GLU D 70 11.90 -25.03 3.27
CA GLU D 70 13.06 -25.93 3.15
C GLU D 70 12.93 -27.08 4.15
N ALA D 71 12.05 -26.92 5.14
CA ALA D 71 11.84 -27.93 6.15
C ALA D 71 10.57 -28.71 5.84
N GLY D 72 9.94 -28.40 4.71
CA GLY D 72 8.73 -29.07 4.30
C GLY D 72 7.48 -28.51 4.96
N PHE D 73 7.50 -27.22 5.29
CA PHE D 73 6.37 -26.57 5.93
C PHE D 73 5.88 -25.34 5.14
N THR D 74 4.59 -25.07 5.26
CA THR D 74 3.99 -23.94 4.57
C THR D 74 3.31 -23.04 5.58
N PRO D 75 3.80 -21.80 5.75
CA PRO D 75 3.17 -20.89 6.72
C PRO D 75 1.84 -20.36 6.19
N THR D 76 0.81 -20.45 7.01
CA THR D 76 -0.49 -19.96 6.62
C THR D 76 -0.40 -18.43 6.63
N SER D 77 0.21 -17.88 7.67
CA SER D 77 0.36 -16.44 7.77
C SER D 77 1.49 -16.08 8.71
N ILE D 78 2.17 -14.99 8.36
CA ILE D 78 3.25 -14.47 9.16
C ILE D 78 3.02 -12.98 9.28
N ASP D 79 2.92 -12.52 10.52
CA ASP D 79 2.71 -11.11 10.79
C ASP D 79 3.79 -10.67 11.76
N THR D 80 4.67 -9.82 11.26
CA THR D 80 5.80 -9.32 12.03
C THR D 80 5.82 -7.82 12.18
N THR D 81 6.21 -7.39 13.38
CA THR D 81 6.33 -5.98 13.69
C THR D 81 7.78 -5.77 14.09
N ALA D 82 8.34 -4.63 13.70
CA ALA D 82 9.72 -4.31 14.04
C ALA D 82 9.71 -2.98 14.78
N ASP D 83 10.12 -3.02 16.04
CA ASP D 83 10.18 -1.84 16.90
C ASP D 83 11.62 -1.35 16.91
N VAL D 84 11.88 -0.22 16.28
CA VAL D 84 13.22 0.34 16.19
C VAL D 84 13.50 1.37 17.28
N SER D 85 14.58 1.18 18.02
CA SER D 85 14.96 2.11 19.08
C SER D 85 16.03 3.09 18.62
N LEU D 86 15.74 4.38 18.80
CA LEU D 86 16.68 5.44 18.46
C LEU D 86 17.01 6.15 19.78
N ASP D 87 18.18 5.87 20.33
CA ASP D 87 18.60 6.48 21.58
C ASP D 87 19.51 7.69 21.45
N LYS D 88 19.48 8.56 22.45
CA LYS D 88 20.31 9.75 22.49
C LYS D 88 21.64 9.36 23.14
N VAL D 89 22.73 9.65 22.45
CA VAL D 89 24.07 9.33 22.94
C VAL D 89 24.96 10.56 22.81
N ASP D 90 26.17 10.48 23.34
CA ASP D 90 27.10 11.60 23.29
C ASP D 90 27.31 12.14 21.88
N ALA D 91 27.71 11.26 20.97
CA ALA D 91 27.93 11.63 19.59
C ALA D 91 26.65 12.15 18.92
N GLY D 92 25.50 11.90 19.55
CA GLY D 92 24.22 12.35 19.00
C GLY D 92 23.10 11.36 19.23
N PHE D 93 22.90 10.46 18.28
CA PHE D 93 21.87 9.43 18.38
C PHE D 93 22.38 8.15 17.73
N ALA D 94 21.67 7.05 17.96
CA ALA D 94 22.07 5.77 17.38
C ALA D 94 20.92 4.75 17.45
N ILE D 95 20.85 3.88 16.44
CA ILE D 95 19.83 2.83 16.39
C ILE D 95 20.44 1.64 17.11
N THR D 96 20.07 1.52 18.38
CA THR D 96 20.63 0.49 19.27
C THR D 96 19.96 -0.85 19.29
N LYS D 97 18.69 -0.89 18.92
CA LYS D 97 17.97 -2.16 18.94
C LYS D 97 16.71 -2.16 18.09
N ILE D 98 16.39 -3.34 17.60
CA ILE D 98 15.21 -3.57 16.81
C ILE D 98 14.53 -4.78 17.44
N ALA D 99 13.32 -4.57 17.96
CA ALA D 99 12.55 -5.63 18.61
C ALA D 99 11.55 -6.20 17.62
N LEU D 100 11.73 -7.45 17.25
CA LEU D 100 10.83 -8.11 16.33
C LEU D 100 9.77 -8.86 17.10
N LYS D 101 8.51 -8.69 16.70
CA LYS D 101 7.40 -9.38 17.34
C LYS D 101 6.62 -10.01 16.19
N SER D 102 6.55 -11.35 16.19
CA SER D 102 5.88 -12.05 15.11
C SER D 102 4.84 -13.08 15.58
N GLU D 103 3.75 -13.16 14.83
CA GLU D 103 2.67 -14.11 15.10
C GLU D 103 2.67 -14.98 13.85
N VAL D 104 2.95 -16.27 14.01
CA VAL D 104 3.02 -17.20 12.89
C VAL D 104 2.09 -18.39 13.04
N ALA D 105 1.45 -18.76 11.94
CA ALA D 105 0.53 -19.89 11.92
C ALA D 105 1.02 -20.92 10.92
N VAL D 106 1.51 -22.05 11.43
CA VAL D 106 2.02 -23.13 10.60
C VAL D 106 1.38 -24.43 11.07
N PRO D 107 0.45 -24.99 10.27
CA PRO D 107 -0.27 -26.23 10.56
C PRO D 107 0.58 -27.44 10.94
N GLY D 108 0.26 -28.03 12.09
CA GLY D 108 0.96 -29.20 12.57
C GLY D 108 2.47 -29.23 12.69
N ILE D 109 3.10 -28.11 13.04
CA ILE D 109 4.55 -28.11 13.19
C ILE D 109 4.91 -28.21 14.67
N ASP D 110 6.01 -28.90 14.96
CA ASP D 110 6.48 -29.08 16.33
C ASP D 110 6.93 -27.77 16.94
N ALA D 111 6.51 -27.48 18.16
CA ALA D 111 6.88 -26.23 18.83
C ALA D 111 8.40 -26.04 18.88
N SER D 112 9.11 -27.14 19.08
CA SER D 112 10.57 -27.10 19.16
C SER D 112 11.19 -26.90 17.79
N THR D 113 10.72 -27.67 16.82
CA THR D 113 11.23 -27.58 15.47
C THR D 113 11.05 -26.15 14.95
N PHE D 114 9.90 -25.57 15.22
CA PHE D 114 9.62 -24.21 14.78
C PHE D 114 10.59 -23.21 15.38
N ASP D 115 10.78 -23.28 16.70
CA ASP D 115 11.68 -22.36 17.36
C ASP D 115 13.06 -22.32 16.70
N GLY D 116 13.61 -23.50 16.41
CA GLY D 116 14.90 -23.56 15.79
C GLY D 116 14.92 -22.77 14.49
N ILE D 117 13.90 -22.99 13.67
CA ILE D 117 13.76 -22.32 12.37
C ILE D 117 13.59 -20.82 12.48
N ILE D 118 12.72 -20.38 13.38
CA ILE D 118 12.47 -18.96 13.51
C ILE D 118 13.68 -18.23 14.08
N GLN D 119 14.46 -18.89 14.94
CA GLN D 119 15.63 -18.24 15.50
C GLN D 119 16.68 -18.06 14.41
N LYS D 120 16.81 -19.06 13.55
CA LYS D 120 17.75 -19.03 12.46
C LYS D 120 17.41 -17.86 11.54
N ALA D 121 16.11 -17.67 11.29
CA ALA D 121 15.64 -16.58 10.44
C ALA D 121 15.90 -15.23 11.10
N LYS D 122 15.76 -15.18 12.42
CA LYS D 122 15.98 -13.93 13.13
C LYS D 122 17.42 -13.46 12.97
N ALA D 123 18.35 -14.40 12.96
CA ALA D 123 19.76 -14.02 12.82
C ALA D 123 20.31 -14.19 11.41
N GLY D 124 19.62 -14.97 10.58
CA GLY D 124 20.09 -15.22 9.24
C GLY D 124 19.59 -14.39 8.05
N CYS D 125 18.42 -13.77 8.14
CA CYS D 125 17.94 -13.00 6.99
C CYS D 125 18.90 -11.85 6.65
N PRO D 126 18.96 -11.44 5.37
CA PRO D 126 19.84 -10.35 4.94
C PRO D 126 19.81 -9.07 5.76
N VAL D 127 18.62 -8.59 6.09
CA VAL D 127 18.53 -7.35 6.86
C VAL D 127 19.11 -7.53 8.27
N SER D 128 18.77 -8.63 8.94
CA SER D 128 19.33 -8.87 10.27
C SER D 128 20.87 -8.87 10.17
N GLN D 129 21.38 -9.59 9.18
CA GLN D 129 22.82 -9.72 8.97
C GLN D 129 23.57 -8.41 8.71
N VAL D 130 22.88 -7.41 8.18
CA VAL D 130 23.52 -6.13 7.87
C VAL D 130 23.41 -5.13 9.00
N LEU D 131 22.61 -5.46 10.02
CA LEU D 131 22.43 -4.56 11.13
C LEU D 131 23.39 -4.87 12.28
N LYS D 132 23.88 -3.80 12.89
CA LYS D 132 24.82 -3.90 14.02
C LYS D 132 24.05 -3.81 15.33
N ALA D 133 22.83 -3.30 15.27
CA ALA D 133 22.00 -3.15 16.47
C ALA D 133 21.61 -4.48 17.10
N GLU D 134 21.21 -4.43 18.36
CA GLU D 134 20.77 -5.63 19.06
C GLU D 134 19.44 -6.01 18.46
N ILE D 135 19.25 -7.29 18.16
CA ILE D 135 18.00 -7.75 17.58
C ILE D 135 17.34 -8.79 18.49
N THR D 136 16.13 -8.51 18.94
CA THR D 136 15.41 -9.44 19.81
C THR D 136 14.19 -9.96 19.07
N LEU D 137 13.72 -11.12 19.49
CA LEU D 137 12.54 -11.74 18.89
C LEU D 137 11.57 -12.31 19.93
N ASP D 138 10.30 -11.94 19.79
CA ASP D 138 9.23 -12.40 20.65
C ASP D 138 8.14 -12.86 19.69
N TYR D 139 7.79 -14.15 19.73
CA TYR D 139 6.78 -14.68 18.84
C TYR D 139 5.75 -15.56 19.53
N GLN D 140 4.71 -15.90 18.78
CA GLN D 140 3.62 -16.75 19.24
C GLN D 140 3.32 -17.64 18.04
N LEU D 141 3.29 -18.95 18.26
CA LEU D 141 3.01 -19.88 17.19
C LEU D 141 1.61 -20.46 17.30
N LYS D 142 0.91 -20.55 16.17
CA LYS D 142 -0.42 -21.14 16.12
C LYS D 142 -0.30 -22.35 15.20
N SER D 143 -0.39 -23.55 15.75
CA SER D 143 -0.28 -24.77 14.97
C SER D 143 -1.40 -25.75 15.30
#